data_1Z2N
#
_entry.id   1Z2N
#
_cell.length_a   38.359
_cell.length_b   94.267
_cell.length_c   47.276
_cell.angle_alpha   90.00
_cell.angle_beta   110.26
_cell.angle_gamma   90.00
#
_symmetry.space_group_name_H-M   'P 1 21 1'
#
loop_
_entity.id
_entity.type
_entity.pdbx_description
1 polymer 'inositol 1,3,4-trisphosphate 5/6-kinase'
2 non-polymer 'MAGNESIUM ION'
3 non-polymer "ADENOSINE-5'-DIPHOSPHATE"
4 water water
#
_entity_poly.entity_id   1
_entity_poly.type   'polypeptide(L)'
_entity_poly.pdbx_seq_one_letter_code
;GPLGSMTTKQTVSLFIWLPESKQKTLFISTKNHTQFELNNIIFDVTLSTELPDKEPNAIITKRTHPVGKMADEMRKYEKD
HPKVLFLESSAIHDMMSSREEINALLIKNNIPIPNSFSVKSKEEVIQLLQSKQLILPFIVKPENAQGTFNAHQMKIVLEQ
EGIDDIHFPCLCQHYINHNNKIVKVFCIGNTLKWQTRTSLPNVHRCGIKSVDFNNQHLEDILSWPEGVIDKQDIIENSAN
RFGSKILEDPILLNLTSEAEMRDLAYKVRCALGVQLCGIDFIKENEQGNPLVVDVNVFPSYGGKVDFDWFVEKVALCYTE
VAKI
;
_entity_poly.pdbx_strand_id   X
#
# COMPACT_ATOMS: atom_id res chain seq x y z
N GLN A 10 -20.70 -3.42 -28.85
CA GLN A 10 -20.68 -2.19 -28.00
C GLN A 10 -19.27 -1.59 -27.94
N THR A 11 -19.20 -0.29 -27.65
CA THR A 11 -17.92 0.41 -27.50
C THR A 11 -17.82 0.98 -26.08
N VAL A 12 -16.61 0.90 -25.52
CA VAL A 12 -16.33 1.48 -24.20
C VAL A 12 -15.09 2.36 -24.32
N SER A 13 -15.17 3.57 -23.78
CA SER A 13 -14.03 4.47 -23.72
C SER A 13 -13.47 4.50 -22.31
N LEU A 14 -12.17 4.23 -22.20
CA LEU A 14 -11.44 4.31 -20.96
C LEU A 14 -10.44 5.41 -21.09
N PHE A 15 -10.40 6.28 -20.08
CA PHE A 15 -9.51 7.43 -20.09
C PHE A 15 -8.57 7.32 -18.90
N ILE A 16 -7.28 7.19 -19.18
CA ILE A 16 -6.29 7.10 -18.12
C ILE A 16 -5.73 8.50 -17.85
N TRP A 17 -5.99 9.00 -16.65
CA TRP A 17 -5.63 10.35 -16.25
C TRP A 17 -4.52 10.30 -15.22
N LEU A 18 -3.28 10.54 -15.67
CA LEU A 18 -2.10 10.44 -14.81
C LEU A 18 -1.09 11.51 -15.14
N PRO A 19 -0.45 12.08 -14.10
CA PRO A 19 0.64 13.02 -14.36
C PRO A 19 1.82 12.27 -14.95
N GLU A 20 2.69 12.99 -15.66
CA GLU A 20 3.87 12.38 -16.30
C GLU A 20 4.72 11.57 -15.32
N SER A 21 4.78 12.03 -14.07
CA SER A 21 5.55 11.37 -13.01
C SER A 21 5.10 9.93 -12.77
N LYS A 22 3.79 9.72 -12.72
CA LYS A 22 3.22 8.39 -12.54
C LYS A 22 3.34 7.55 -13.82
N GLN A 23 3.16 8.20 -14.97
CA GLN A 23 3.30 7.54 -16.27
C GLN A 23 4.70 6.96 -16.45
N LYS A 24 5.70 7.71 -16.01
CA LYS A 24 7.10 7.32 -16.13
C LYS A 24 7.47 6.10 -15.27
N THR A 25 6.93 6.06 -14.05
CA THR A 25 7.20 4.95 -13.13
C THR A 25 6.38 3.69 -13.43
N LEU A 26 5.18 3.89 -13.97
CA LEU A 26 4.25 2.80 -14.20
C LEU A 26 4.49 2.05 -15.51
N PHE A 27 4.81 2.77 -16.58
CA PHE A 27 4.87 2.18 -17.91
C PHE A 27 6.28 2.12 -18.51
N ILE A 28 6.60 1.00 -19.15
CA ILE A 28 7.81 0.84 -19.95
C ILE A 28 7.82 1.92 -21.03
N SER A 29 6.74 1.97 -21.79
CA SER A 29 6.48 3.02 -22.76
C SER A 29 4.99 3.33 -22.70
N THR A 30 4.59 4.45 -23.29
CA THR A 30 3.19 4.85 -23.28
C THR A 30 2.67 5.06 -24.70
N LYS A 31 1.34 5.01 -24.83
CA LYS A 31 0.67 5.35 -26.08
C LYS A 31 -0.39 6.41 -25.78
N ASN A 32 -0.44 7.46 -26.61
CA ASN A 32 -1.47 8.48 -26.48
C ASN A 32 -2.88 7.89 -26.66
N HIS A 33 -3.03 7.02 -27.66
CA HIS A 33 -4.30 6.35 -27.94
C HIS A 33 -4.09 4.94 -28.47
N THR A 34 -4.91 4.00 -27.98
CA THR A 34 -4.93 2.63 -28.50
C THR A 34 -6.36 2.07 -28.56
N GLN A 35 -6.59 1.15 -29.48
CA GLN A 35 -7.91 0.52 -29.66
C GLN A 35 -7.76 -0.99 -29.83
N PHE A 36 -8.57 -1.75 -29.09
CA PHE A 36 -8.53 -3.22 -29.13
C PHE A 36 -9.89 -3.83 -28.81
N GLU A 37 -10.07 -5.09 -29.23
CA GLU A 37 -11.28 -5.83 -28.90
C GLU A 37 -11.00 -6.82 -27.78
N LEU A 38 -11.90 -6.86 -26.80
CA LEU A 38 -11.84 -7.83 -25.72
C LEU A 38 -13.26 -8.28 -25.40
N ASN A 39 -13.47 -9.59 -25.43
CA ASN A 39 -14.77 -10.19 -25.12
C ASN A 39 -15.94 -9.55 -25.86
N ASN A 40 -15.73 -9.35 -27.16
CA ASN A 40 -16.75 -8.81 -28.08
C ASN A 40 -17.08 -7.32 -27.87
N ILE A 41 -16.25 -6.63 -27.07
CA ILE A 41 -16.37 -5.18 -26.88
C ILE A 41 -15.17 -4.47 -27.47
N ILE A 42 -15.42 -3.35 -28.15
CA ILE A 42 -14.34 -2.50 -28.65
C ILE A 42 -13.98 -1.45 -27.59
N PHE A 43 -12.72 -1.49 -27.14
CA PHE A 43 -12.23 -0.52 -26.15
C PHE A 43 -11.34 0.52 -26.82
N ASP A 44 -11.70 1.79 -26.62
CA ASP A 44 -10.86 2.91 -27.02
C ASP A 44 -10.22 3.52 -25.78
N VAL A 45 -8.90 3.49 -25.70
CA VAL A 45 -8.18 3.91 -24.51
C VAL A 45 -7.31 5.12 -24.80
N THR A 46 -7.51 6.19 -24.04
CA THR A 46 -6.72 7.40 -24.15
C THR A 46 -5.96 7.67 -22.86
N LEU A 47 -4.70 8.06 -22.99
CA LEU A 47 -3.87 8.44 -21.85
C LEU A 47 -3.53 9.92 -21.96
N SER A 48 -3.74 10.66 -20.87
CA SER A 48 -3.49 12.09 -20.83
C SER A 48 -3.17 12.58 -19.41
N THR A 49 -2.48 13.71 -19.33
CA THR A 49 -2.19 14.35 -18.05
C THR A 49 -3.34 15.24 -17.59
N GLU A 50 -4.29 15.49 -18.49
CA GLU A 50 -5.43 16.36 -18.19
C GLU A 50 -6.73 15.61 -18.31
N LEU A 51 -7.76 16.11 -17.61
CA LEU A 51 -9.10 15.52 -17.66
C LEU A 51 -9.65 15.52 -19.09
N PRO A 52 -10.52 14.55 -19.40
CA PRO A 52 -11.04 14.46 -20.75
C PRO A 52 -11.96 15.63 -21.09
N ASP A 53 -11.78 16.17 -22.29
CA ASP A 53 -12.65 17.21 -22.80
C ASP A 53 -14.03 16.63 -23.05
N LYS A 54 -14.05 15.35 -23.44
CA LYS A 54 -15.27 14.60 -23.73
C LYS A 54 -15.45 13.45 -22.74
N GLU A 55 -16.68 13.25 -22.26
CA GLU A 55 -16.99 12.31 -21.18
C GLU A 55 -16.79 10.85 -21.62
N PRO A 56 -15.90 10.10 -20.92
CA PRO A 56 -15.70 8.67 -21.19
C PRO A 56 -16.61 7.81 -20.32
N ASN A 57 -16.55 6.50 -20.51
CA ASN A 57 -17.28 5.59 -19.63
C ASN A 57 -16.57 5.39 -18.28
N ALA A 58 -15.25 5.49 -18.29
CA ALA A 58 -14.48 5.32 -17.07
C ALA A 58 -13.22 6.16 -17.11
N ILE A 59 -12.84 6.66 -15.94
CA ILE A 59 -11.56 7.32 -15.75
C ILE A 59 -10.72 6.47 -14.79
N ILE A 60 -9.49 6.19 -15.23
CA ILE A 60 -8.53 5.39 -14.48
C ILE A 60 -7.48 6.36 -13.97
N THR A 61 -7.37 6.49 -12.65
CA THR A 61 -6.55 7.53 -12.08
C THR A 61 -6.02 7.22 -10.69
N LYS A 62 -4.82 7.72 -10.43
CA LYS A 62 -4.24 7.80 -9.09
C LYS A 62 -4.08 9.28 -8.77
N ARG A 63 -4.73 9.71 -7.69
CA ARG A 63 -4.62 11.08 -7.20
C ARG A 63 -3.25 11.23 -6.52
N THR A 64 -2.45 12.16 -7.03
CA THR A 64 -1.05 12.30 -6.61
C THR A 64 -0.92 12.71 -5.14
N HIS A 65 -1.72 13.69 -4.72
CA HIS A 65 -1.69 14.23 -3.36
C HIS A 65 -3.12 14.42 -2.85
N PRO A 66 -3.34 14.22 -1.53
CA PRO A 66 -4.68 14.32 -0.95
C PRO A 66 -5.30 15.72 -1.02
N VAL A 67 -4.45 16.74 -1.09
CA VAL A 67 -4.89 18.13 -1.20
C VAL A 67 -4.12 18.83 -2.32
N GLY A 68 -4.82 19.69 -3.06
CA GLY A 68 -4.24 20.38 -4.22
C GLY A 68 -5.12 20.37 -5.46
N LYS A 69 -4.57 20.84 -6.57
CA LYS A 69 -5.31 21.02 -7.82
C LYS A 69 -5.94 19.72 -8.35
N MET A 70 -5.16 18.64 -8.45
CA MET A 70 -5.72 17.37 -8.94
C MET A 70 -6.88 16.91 -8.06
N ALA A 71 -6.69 16.97 -6.74
CA ALA A 71 -7.74 16.57 -5.81
C ALA A 71 -9.02 17.39 -6.06
N ASP A 72 -8.86 18.71 -6.25
CA ASP A 72 -9.98 19.61 -6.44
C ASP A 72 -10.69 19.34 -7.78
N GLU A 73 -9.90 19.17 -8.83
CA GLU A 73 -10.40 18.85 -10.18
C GLU A 73 -11.17 17.56 -10.17
N MET A 74 -10.63 16.58 -9.46
CA MET A 74 -11.22 15.26 -9.40
C MET A 74 -12.59 15.29 -8.76
N ARG A 75 -12.68 15.93 -7.60
CA ARG A 75 -13.95 16.00 -6.87
C ARG A 75 -15.03 16.70 -7.69
N LYS A 76 -14.65 17.79 -8.35
CA LYS A 76 -15.56 18.55 -9.20
C LYS A 76 -16.02 17.72 -10.38
N TYR A 77 -15.07 17.06 -11.05
CA TYR A 77 -15.40 16.23 -12.20
C TYR A 77 -16.37 15.12 -11.82
N GLU A 78 -16.11 14.45 -10.70
CA GLU A 78 -16.97 13.35 -10.25
C GLU A 78 -18.39 13.84 -9.97
N LYS A 79 -18.50 14.97 -9.26
CA LYS A 79 -19.81 15.52 -8.92
C LYS A 79 -20.59 15.85 -10.20
N ASP A 80 -19.91 16.42 -11.18
CA ASP A 80 -20.57 16.92 -12.38
C ASP A 80 -20.72 15.88 -13.49
N HIS A 81 -20.09 14.71 -13.34
CA HIS A 81 -20.22 13.61 -14.31
C HIS A 81 -20.44 12.29 -13.58
N PRO A 82 -21.59 12.17 -12.90
CA PRO A 82 -21.83 11.00 -12.03
C PRO A 82 -21.89 9.64 -12.72
N LYS A 83 -22.04 9.63 -14.04
CA LYS A 83 -22.09 8.36 -14.77
C LYS A 83 -20.72 7.78 -15.09
N VAL A 84 -19.67 8.58 -14.94
CA VAL A 84 -18.31 8.13 -15.19
C VAL A 84 -17.84 7.30 -14.01
N LEU A 85 -17.45 6.05 -14.29
CA LEU A 85 -16.87 5.19 -13.28
C LEU A 85 -15.43 5.61 -13.03
N PHE A 86 -15.07 5.86 -11.77
CA PHE A 86 -13.68 6.12 -11.41
C PHE A 86 -13.01 4.91 -10.81
N LEU A 87 -11.85 4.56 -11.36
CA LEU A 87 -10.94 3.59 -10.76
C LEU A 87 -9.63 4.35 -10.53
N GLU A 88 -9.46 5.01 -9.38
CA GLU A 88 -10.35 4.96 -8.22
C GLU A 88 -10.87 6.35 -7.85
N SER A 89 -12.01 6.38 -7.18
CA SER A 89 -12.72 7.61 -6.85
C SER A 89 -12.06 8.42 -5.74
N SER A 90 -12.47 9.68 -5.58
CA SER A 90 -11.99 10.51 -4.47
C SER A 90 -12.32 9.88 -3.13
N ALA A 91 -13.53 9.34 -3.00
CA ALA A 91 -13.96 8.73 -1.74
C ALA A 91 -13.09 7.52 -1.40
N ILE A 92 -12.75 6.71 -2.39
CA ILE A 92 -11.86 5.57 -2.18
C ILE A 92 -10.46 6.04 -1.78
N HIS A 93 -9.93 7.03 -2.49
CA HIS A 93 -8.62 7.58 -2.14
C HIS A 93 -8.62 8.13 -0.71
N ASP A 94 -9.67 8.84 -0.33
CA ASP A 94 -9.76 9.43 1.00
C ASP A 94 -9.78 8.36 2.09
N MET A 95 -10.60 7.33 1.90
CA MET A 95 -10.67 6.26 2.88
C MET A 95 -9.32 5.56 2.99
N MET A 96 -8.68 5.31 1.84
CA MET A 96 -7.42 4.58 1.81
C MET A 96 -6.22 5.44 2.21
N SER A 97 -6.45 6.73 2.40
CA SER A 97 -5.44 7.62 2.92
C SER A 97 -5.46 7.68 4.45
N SER A 98 -6.42 6.99 5.06
CA SER A 98 -6.59 6.97 6.52
C SER A 98 -6.28 5.59 7.08
N ARG A 99 -5.25 5.50 7.91
CA ARG A 99 -4.95 4.23 8.59
C ARG A 99 -6.14 3.79 9.44
N GLU A 100 -6.80 4.74 10.10
CA GLU A 100 -7.93 4.40 10.96
C GLU A 100 -9.07 3.79 10.16
N GLU A 101 -9.42 4.42 9.05
CA GLU A 101 -10.56 3.95 8.25
C GLU A 101 -10.28 2.63 7.55
N ILE A 102 -9.08 2.47 6.99
CA ILE A 102 -8.76 1.21 6.33
C ILE A 102 -8.75 0.05 7.33
N ASN A 103 -8.13 0.24 8.48
CA ASN A 103 -8.06 -0.84 9.45
C ASN A 103 -9.40 -1.19 10.10
N ALA A 104 -10.26 -0.18 10.28
CA ALA A 104 -11.63 -0.43 10.74
C ALA A 104 -12.33 -1.36 9.78
N LEU A 105 -12.15 -1.16 8.47
CA LEU A 105 -12.79 -2.01 7.48
C LEU A 105 -12.17 -3.40 7.38
N LEU A 106 -10.85 -3.50 7.52
CA LEU A 106 -10.20 -4.80 7.54
C LEU A 106 -10.69 -5.59 8.76
N ILE A 107 -10.72 -4.95 9.92
CA ILE A 107 -11.20 -5.59 11.15
C ILE A 107 -12.66 -6.04 11.03
N LYS A 108 -13.51 -5.13 10.54
CA LYS A 108 -14.93 -5.42 10.37
C LYS A 108 -15.15 -6.60 9.40
N ASN A 109 -14.22 -6.79 8.47
CA ASN A 109 -14.33 -7.86 7.49
C ASN A 109 -13.45 -9.08 7.79
N ASN A 110 -12.98 -9.17 9.04
CA ASN A 110 -12.29 -10.36 9.52
C ASN A 110 -11.02 -10.70 8.72
N ILE A 111 -10.26 -9.67 8.37
CA ILE A 111 -9.00 -9.84 7.67
C ILE A 111 -7.89 -9.64 8.69
N PRO A 112 -7.12 -10.69 8.99
CA PRO A 112 -6.01 -10.55 9.95
C PRO A 112 -5.02 -9.42 9.67
N ILE A 113 -4.77 -8.68 10.73
CA ILE A 113 -3.76 -7.63 10.78
C ILE A 113 -3.03 -7.79 12.11
N PRO A 114 -1.81 -7.24 12.25
CA PRO A 114 -1.23 -7.17 13.59
C PRO A 114 -2.12 -6.27 14.45
N ASN A 115 -2.16 -6.51 15.75
CA ASN A 115 -3.07 -5.75 16.63
C ASN A 115 -2.78 -4.25 16.50
N SER A 116 -3.84 -3.46 16.26
CA SER A 116 -3.70 -2.06 15.84
C SER A 116 -4.66 -1.13 16.58
N PHE A 117 -4.21 0.10 16.83
CA PHE A 117 -4.98 1.09 17.57
C PHE A 117 -4.74 2.44 16.94
N SER A 118 -5.81 3.15 16.63
CA SER A 118 -5.71 4.53 16.17
C SER A 118 -5.81 5.46 17.36
N VAL A 119 -4.77 6.27 17.55
CA VAL A 119 -4.68 7.15 18.72
C VAL A 119 -4.43 8.61 18.35
N LYS A 120 -4.78 9.50 19.27
CA LYS A 120 -4.69 10.93 19.02
C LYS A 120 -3.76 11.63 20.02
N SER A 121 -3.33 10.91 21.06
CA SER A 121 -2.50 11.49 22.12
C SER A 121 -1.73 10.45 22.95
N LYS A 122 -0.75 10.93 23.71
CA LYS A 122 0.06 10.09 24.58
C LYS A 122 -0.74 9.41 25.69
N GLU A 123 -1.70 10.13 26.29
CA GLU A 123 -2.56 9.57 27.34
C GLU A 123 -3.22 8.28 26.87
N GLU A 124 -3.67 8.28 25.62
CA GLU A 124 -4.33 7.12 25.03
C GLU A 124 -3.36 5.95 24.89
N VAL A 125 -2.15 6.22 24.38
CA VAL A 125 -1.11 5.19 24.27
C VAL A 125 -0.77 4.61 25.65
N ILE A 126 -0.63 5.48 26.65
CA ILE A 126 -0.34 5.07 28.03
C ILE A 126 -1.42 4.13 28.56
N GLN A 127 -2.69 4.46 28.34
CA GLN A 127 -3.79 3.61 28.80
C GLN A 127 -3.77 2.23 28.13
N LEU A 128 -3.49 2.21 26.83
CA LEU A 128 -3.41 0.96 26.07
C LEU A 128 -2.28 0.06 26.54
N LEU A 129 -1.14 0.68 26.89
CA LEU A 129 -0.01 -0.08 27.42
C LEU A 129 -0.31 -0.63 28.82
N GLN A 130 -0.85 0.24 29.68
CA GLN A 130 -1.13 -0.10 31.08
C GLN A 130 -2.19 -1.20 31.25
N SER A 131 -3.18 -1.19 30.34
CA SER A 131 -4.23 -2.22 30.32
C SER A 131 -3.83 -3.47 29.53
N LYS A 132 -2.60 -3.48 29.02
CA LYS A 132 -2.02 -4.64 28.31
C LYS A 132 -2.72 -4.99 26.99
N GLN A 133 -3.31 -3.98 26.37
CA GLN A 133 -3.90 -4.12 25.04
C GLN A 133 -2.85 -3.97 23.94
N LEU A 134 -2.05 -2.91 24.05
CA LEU A 134 -0.97 -2.66 23.11
C LEU A 134 0.30 -3.31 23.68
N ILE A 135 0.87 -4.23 22.92
CA ILE A 135 2.03 -5.00 23.33
C ILE A 135 3.28 -4.49 22.61
N LEU A 136 4.35 -4.28 23.38
CA LEU A 136 5.65 -3.89 22.82
C LEU A 136 6.33 -5.06 22.10
N PRO A 137 7.16 -4.79 21.09
CA PRO A 137 7.35 -3.50 20.43
C PRO A 137 6.16 -3.17 19.51
N PHE A 138 6.00 -1.89 19.17
CA PHE A 138 4.98 -1.51 18.19
C PHE A 138 5.51 -0.48 17.23
N ILE A 139 5.00 -0.52 16.00
CA ILE A 139 5.35 0.47 15.00
C ILE A 139 4.28 1.56 15.00
N VAL A 140 4.74 2.79 14.78
CA VAL A 140 3.90 3.99 14.80
C VAL A 140 3.86 4.55 13.39
N LYS A 141 2.66 4.53 12.80
CA LYS A 141 2.47 4.96 11.41
C LYS A 141 1.57 6.18 11.36
N PRO A 142 1.96 7.21 10.61
CA PRO A 142 1.08 8.40 10.57
C PRO A 142 -0.34 8.08 10.13
N GLU A 143 -1.33 8.71 10.76
CA GLU A 143 -2.73 8.46 10.41
C GLU A 143 -3.01 8.74 8.93
N ASN A 144 -2.46 9.83 8.42
CA ASN A 144 -2.55 10.16 6.99
C ASN A 144 -1.44 9.39 6.28
N ALA A 145 -1.83 8.43 5.45
CA ALA A 145 -0.89 7.41 4.96
C ALA A 145 -0.35 7.61 3.54
N GLN A 146 -0.85 8.60 2.82
CA GLN A 146 -0.47 8.79 1.42
C GLN A 146 -0.20 10.25 1.08
N GLY A 147 0.78 10.48 0.21
CA GLY A 147 0.92 11.77 -0.48
C GLY A 147 2.05 12.68 -0.07
N THR A 148 2.73 12.35 1.02
CA THR A 148 3.86 13.13 1.52
C THR A 148 4.99 12.23 2.00
N PHE A 149 6.19 12.80 2.10
CA PHE A 149 7.33 12.15 2.73
C PHE A 149 7.00 11.78 4.18
N ASN A 150 6.37 12.72 4.90
CA ASN A 150 5.99 12.51 6.29
C ASN A 150 5.03 11.34 6.51
N ALA A 151 4.20 11.05 5.52
CA ALA A 151 3.25 9.92 5.60
C ALA A 151 3.96 8.58 5.75
N HIS A 152 5.25 8.54 5.44
CA HIS A 152 6.06 7.32 5.47
C HIS A 152 7.11 7.33 6.60
N GLN A 153 7.00 8.31 7.49
CA GLN A 153 7.92 8.47 8.61
C GLN A 153 7.45 7.67 9.82
N MET A 154 8.17 6.58 10.09
CA MET A 154 7.77 5.57 11.07
C MET A 154 8.66 5.57 12.30
N LYS A 155 8.09 5.17 13.44
CA LYS A 155 8.87 4.94 14.66
C LYS A 155 8.56 3.52 15.15
N ILE A 156 9.58 2.79 15.57
CA ILE A 156 9.39 1.52 16.28
C ILE A 156 9.68 1.78 17.76
N VAL A 157 8.63 1.64 18.56
CA VAL A 157 8.74 1.82 20.00
C VAL A 157 9.05 0.48 20.63
N LEU A 158 10.20 0.43 21.32
CA LEU A 158 10.72 -0.79 21.91
C LEU A 158 10.45 -0.89 23.41
N GLU A 159 10.31 0.26 24.07
CA GLU A 159 10.03 0.33 25.52
C GLU A 159 9.04 1.45 25.75
N GLN A 160 8.36 1.43 26.89
CA GLN A 160 7.31 2.42 27.19
C GLN A 160 7.83 3.86 27.09
N GLU A 161 9.07 4.09 27.50
CA GLU A 161 9.70 5.41 27.42
C GLU A 161 9.85 5.93 25.98
N GLY A 162 9.83 5.00 25.01
CA GLY A 162 10.00 5.35 23.61
C GLY A 162 8.81 6.08 22.98
N ILE A 163 7.76 6.29 23.76
CA ILE A 163 6.58 7.01 23.25
C ILE A 163 6.73 8.53 23.24
N ASP A 164 7.77 9.03 23.91
CA ASP A 164 7.86 10.47 24.19
C ASP A 164 7.75 11.40 22.98
N ASP A 165 8.36 11.00 21.86
CA ASP A 165 8.40 11.84 20.65
C ASP A 165 7.43 11.42 19.53
N ILE A 166 6.43 10.60 19.85
CA ILE A 166 5.46 10.16 18.84
C ILE A 166 4.74 11.36 18.23
N HIS A 167 4.57 11.32 16.91
CA HIS A 167 3.74 12.29 16.22
C HIS A 167 2.31 11.75 16.09
N PHE A 168 1.36 12.54 16.60
CA PHE A 168 -0.06 12.19 16.60
C PHE A 168 -0.82 13.05 15.58
N PRO A 169 -1.95 12.53 15.02
CA PRO A 169 -2.54 11.21 15.25
C PRO A 169 -1.80 10.12 14.47
N CYS A 170 -1.92 8.89 14.95
CA CYS A 170 -1.15 7.81 14.36
C CYS A 170 -1.78 6.47 14.65
N LEU A 171 -1.38 5.47 13.88
CA LEU A 171 -1.72 4.09 14.13
C LEU A 171 -0.57 3.44 14.90
N CYS A 172 -0.88 2.86 16.06
CA CYS A 172 0.10 2.05 16.79
C CYS A 172 -0.23 0.60 16.50
N GLN A 173 0.72 -0.12 15.90
CA GLN A 173 0.48 -1.47 15.43
C GLN A 173 1.57 -2.39 15.97
N HIS A 174 1.18 -3.49 16.60
CA HIS A 174 2.16 -4.40 17.13
C HIS A 174 3.19 -4.79 16.07
N TYR A 175 4.47 -4.73 16.44
CA TYR A 175 5.56 -5.04 15.53
C TYR A 175 5.77 -6.55 15.48
N ILE A 176 5.75 -7.10 14.28
CA ILE A 176 5.91 -8.52 14.07
C ILE A 176 7.31 -8.81 13.56
N ASN A 177 8.02 -9.72 14.21
CA ASN A 177 9.28 -10.25 13.67
C ASN A 177 8.93 -11.24 12.58
N HIS A 178 9.18 -10.84 11.33
CA HIS A 178 8.67 -11.57 10.15
C HIS A 178 9.81 -12.05 9.24
N ASN A 179 11.03 -12.09 9.81
CA ASN A 179 12.24 -12.54 9.07
C ASN A 179 12.51 -11.76 7.78
N ASN A 180 12.17 -10.48 7.80
CA ASN A 180 12.62 -9.56 6.76
C ASN A 180 12.15 -9.98 5.35
N LYS A 181 10.91 -10.47 5.26
CA LYS A 181 10.28 -10.79 3.99
C LYS A 181 8.87 -10.25 4.00
N ILE A 182 8.50 -9.56 2.93
CA ILE A 182 7.15 -9.04 2.77
C ILE A 182 6.61 -9.50 1.42
N VAL A 183 5.35 -9.91 1.40
CA VAL A 183 4.70 -10.31 0.16
C VAL A 183 3.89 -9.15 -0.32
N LYS A 184 4.07 -8.80 -1.59
CA LYS A 184 3.34 -7.74 -2.23
C LYS A 184 2.43 -8.33 -3.29
N VAL A 185 1.13 -8.11 -3.14
CA VAL A 185 0.14 -8.59 -4.08
C VAL A 185 -0.49 -7.37 -4.76
N PHE A 186 -0.31 -7.26 -6.08
CA PHE A 186 -0.83 -6.16 -6.87
C PHE A 186 -2.06 -6.64 -7.63
N CYS A 187 -3.14 -5.84 -7.59
CA CYS A 187 -4.40 -6.23 -8.20
C CYS A 187 -4.86 -5.21 -9.24
N ILE A 188 -5.30 -5.72 -10.39
CA ILE A 188 -6.16 -4.97 -11.32
C ILE A 188 -7.45 -5.78 -11.34
N GLY A 189 -8.35 -5.49 -10.40
CA GLY A 189 -9.49 -6.36 -10.17
C GLY A 189 -8.98 -7.75 -9.83
N ASN A 190 -9.48 -8.75 -10.56
CA ASN A 190 -9.11 -10.14 -10.36
C ASN A 190 -7.74 -10.54 -10.91
N THR A 191 -7.12 -9.69 -11.73
CA THR A 191 -5.81 -9.99 -12.28
C THR A 191 -4.75 -9.61 -11.25
N LEU A 192 -3.90 -10.58 -10.91
CA LEU A 192 -2.88 -10.37 -9.88
C LEU A 192 -1.47 -10.54 -10.40
N LYS A 193 -0.57 -9.82 -9.76
CA LYS A 193 0.87 -9.95 -9.92
C LYS A 193 1.38 -9.95 -8.49
N TRP A 194 2.36 -10.79 -8.18
CA TRP A 194 2.88 -10.82 -6.81
C TRP A 194 4.39 -10.96 -6.80
N GLN A 195 5.00 -10.64 -5.66
CA GLN A 195 6.43 -10.77 -5.48
C GLN A 195 6.75 -10.77 -3.99
N THR A 196 7.97 -11.18 -3.67
CA THR A 196 8.52 -11.04 -2.33
C THR A 196 9.60 -9.98 -2.37
N ARG A 197 9.69 -9.17 -1.32
CA ARG A 197 10.81 -8.24 -1.15
C ARG A 197 11.35 -8.35 0.26
N THR A 198 12.56 -7.84 0.47
CA THR A 198 13.00 -7.59 1.83
C THR A 198 12.08 -6.53 2.45
N SER A 199 12.16 -6.41 3.77
CA SER A 199 11.15 -5.69 4.54
C SER A 199 11.86 -4.90 5.64
N LEU A 200 11.68 -5.26 6.90
CA LEU A 200 12.48 -4.74 8.00
C LEU A 200 13.04 -5.93 8.73
N PRO A 201 14.23 -5.77 9.36
CA PRO A 201 14.79 -6.87 10.13
C PRO A 201 13.97 -7.15 11.39
N ASN A 202 14.13 -8.36 11.91
CA ASN A 202 13.67 -8.68 13.27
C ASN A 202 14.34 -7.74 14.24
N VAL A 203 13.60 -7.26 15.23
CA VAL A 203 14.16 -6.33 16.23
C VAL A 203 14.30 -6.97 17.60
N HIS A 204 15.21 -6.42 18.39
CA HIS A 204 15.57 -6.88 19.73
C HIS A 204 15.38 -5.75 20.74
N ARG A 205 14.77 -6.08 21.88
CA ARG A 205 14.54 -5.11 22.94
C ARG A 205 15.71 -5.11 23.91
N CYS A 206 16.80 -4.51 23.46
CA CYS A 206 18.06 -4.53 24.20
C CYS A 206 18.21 -3.40 25.22
N GLY A 207 17.21 -2.52 25.31
CA GLY A 207 17.27 -1.36 26.19
C GLY A 207 17.06 -0.03 25.48
N ILE A 208 17.37 -0.01 24.18
CA ILE A 208 17.07 1.15 23.35
C ILE A 208 15.54 1.37 23.36
N LYS A 209 15.11 2.61 23.49
CA LYS A 209 13.68 2.87 23.71
C LYS A 209 12.87 2.93 22.42
N SER A 210 13.48 3.39 21.33
CA SER A 210 12.80 3.49 20.03
C SER A 210 13.83 3.68 18.94
N VAL A 211 13.42 3.42 17.70
CA VAL A 211 14.23 3.74 16.51
C VAL A 211 13.28 4.33 15.46
N ASP A 212 13.86 5.04 14.50
CA ASP A 212 13.07 5.73 13.48
C ASP A 212 13.55 5.38 12.08
N PHE A 213 12.63 5.37 11.12
CA PHE A 213 13.01 5.24 9.71
C PHE A 213 11.91 5.79 8.83
N ASN A 214 12.29 6.29 7.66
CA ASN A 214 11.31 6.58 6.62
C ASN A 214 11.35 5.44 5.62
N ASN A 215 10.18 4.93 5.25
CA ASN A 215 10.10 3.82 4.30
C ASN A 215 10.65 4.14 2.92
N GLN A 216 10.72 5.43 2.58
CA GLN A 216 11.34 5.87 1.31
C GLN A 216 12.86 6.01 1.42
N HIS A 217 13.39 5.91 2.64
CA HIS A 217 14.82 6.09 2.90
C HIS A 217 15.31 5.02 3.88
N LEU A 218 15.26 3.77 3.45
CA LEU A 218 15.56 2.64 4.34
C LEU A 218 17.02 2.62 4.81
N GLU A 219 17.88 3.37 4.12
CA GLU A 219 19.25 3.55 4.62
C GLU A 219 19.30 4.14 6.03
N ASP A 220 18.20 4.74 6.49
CA ASP A 220 18.07 5.17 7.90
C ASP A 220 18.43 4.06 8.88
N ILE A 221 18.15 2.82 8.51
CA ILE A 221 18.36 1.68 9.38
C ILE A 221 19.85 1.44 9.66
N LEU A 222 20.71 1.88 8.74
CA LEU A 222 22.17 1.78 8.93
C LEU A 222 22.63 2.54 10.18
N SER A 223 21.81 3.50 10.61
CA SER A 223 22.15 4.36 11.75
C SER A 223 21.53 3.93 13.08
N TRP A 224 20.75 2.85 13.10
CA TRP A 224 20.15 2.41 14.36
C TRP A 224 21.22 2.00 15.35
N PRO A 225 20.98 2.25 16.66
CA PRO A 225 21.96 1.87 17.68
C PRO A 225 22.22 0.36 17.68
N GLU A 226 23.44 -0.02 18.02
CA GLU A 226 23.82 -1.41 18.15
C GLU A 226 22.91 -2.14 19.13
N GLY A 227 22.53 -3.36 18.76
CA GLY A 227 21.72 -4.21 19.63
C GLY A 227 20.27 -4.34 19.21
N VAL A 228 19.77 -3.38 18.45
CA VAL A 228 18.39 -3.46 17.95
C VAL A 228 18.26 -4.56 16.87
N ILE A 229 19.26 -4.64 16.00
CA ILE A 229 19.34 -5.64 14.93
C ILE A 229 20.49 -6.63 15.22
N ASP A 230 20.22 -7.93 15.06
CA ASP A 230 21.27 -8.96 15.16
C ASP A 230 22.44 -8.66 14.21
N LYS A 231 23.67 -8.92 14.67
CA LYS A 231 24.88 -8.65 13.89
C LYS A 231 24.88 -9.33 12.51
N GLN A 232 24.37 -10.55 12.45
CA GLN A 232 24.32 -11.27 11.18
C GLN A 232 23.31 -10.64 10.22
N ASP A 233 22.20 -10.13 10.76
CA ASP A 233 21.23 -9.41 9.94
C ASP A 233 21.81 -8.10 9.40
N ILE A 234 22.67 -7.44 10.18
CA ILE A 234 23.37 -6.27 9.66
C ILE A 234 24.29 -6.67 8.49
N ILE A 235 25.04 -7.76 8.65
CA ILE A 235 25.93 -8.24 7.59
C ILE A 235 25.15 -8.54 6.32
N GLU A 236 24.04 -9.25 6.47
CA GLU A 236 23.27 -9.72 5.32
C GLU A 236 22.55 -8.62 4.54
N ASN A 237 22.33 -7.46 5.17
CA ASN A 237 21.52 -6.41 4.55
C ASN A 237 22.21 -5.06 4.32
N SER A 238 23.42 -4.91 4.84
CA SER A 238 24.10 -3.62 4.79
C SER A 238 24.60 -3.24 3.41
N ALA A 239 25.03 -4.22 2.62
CA ALA A 239 25.51 -3.94 1.26
C ALA A 239 24.44 -3.28 0.39
N ASN A 240 23.19 -3.67 0.62
CA ASN A 240 22.05 -3.12 -0.10
C ASN A 240 21.47 -1.90 0.61
N ARG A 241 22.11 -1.46 1.69
CA ARG A 241 21.63 -0.31 2.51
C ARG A 241 20.22 -0.52 3.03
N PHE A 242 19.90 -1.79 3.32
CA PHE A 242 18.56 -2.17 3.83
C PHE A 242 17.43 -1.84 2.85
N GLY A 243 17.79 -1.56 1.60
CA GLY A 243 16.80 -1.23 0.57
C GLY A 243 15.84 -2.38 0.31
N SER A 244 14.64 -2.01 -0.16
CA SER A 244 13.60 -2.97 -0.49
C SER A 244 14.00 -3.71 -1.77
N LYS A 245 14.53 -4.91 -1.60
CA LYS A 245 15.13 -5.71 -2.68
C LYS A 245 14.22 -6.87 -3.05
N ILE A 246 14.12 -7.17 -4.34
CA ILE A 246 13.35 -8.32 -4.80
C ILE A 246 13.99 -9.63 -4.33
N LEU A 247 13.14 -10.55 -3.88
CA LEU A 247 13.56 -11.88 -3.49
C LEU A 247 12.90 -12.90 -4.42
N GLU A 248 13.11 -14.18 -4.14
CA GLU A 248 12.45 -15.20 -4.94
C GLU A 248 10.94 -15.16 -4.75
N ASP A 249 10.22 -15.72 -5.71
CA ASP A 249 8.77 -15.78 -5.69
C ASP A 249 8.27 -16.37 -4.37
N PRO A 250 7.20 -15.77 -3.81
CA PRO A 250 6.77 -16.15 -2.46
C PRO A 250 6.20 -17.55 -2.36
N ILE A 251 5.71 -18.10 -3.47
CA ILE A 251 5.27 -19.50 -3.46
C ILE A 251 6.50 -20.41 -3.42
N LEU A 252 7.50 -20.09 -4.25
CA LEU A 252 8.74 -20.88 -4.26
C LEU A 252 9.43 -20.83 -2.91
N LEU A 253 9.28 -19.73 -2.18
CA LEU A 253 9.83 -19.59 -0.84
C LEU A 253 9.02 -20.29 0.26
N ASN A 254 7.91 -20.91 -0.12
CA ASN A 254 6.98 -21.56 0.83
C ASN A 254 6.39 -20.57 1.83
N LEU A 255 6.29 -19.30 1.43
CA LEU A 255 5.74 -18.27 2.28
C LEU A 255 4.22 -18.22 2.18
N THR A 256 3.70 -18.51 0.99
CA THR A 256 2.29 -18.44 0.72
C THR A 256 1.97 -19.34 -0.48
N SER A 257 0.71 -19.32 -0.91
CA SER A 257 0.28 -20.07 -2.09
C SER A 257 -0.52 -19.13 -2.98
N GLU A 258 -0.66 -19.50 -4.26
CA GLU A 258 -1.49 -18.74 -5.18
C GLU A 258 -2.92 -18.60 -4.63
N ALA A 259 -3.49 -19.71 -4.14
CA ALA A 259 -4.86 -19.68 -3.63
C ALA A 259 -4.98 -18.74 -2.41
N GLU A 260 -3.99 -18.76 -1.52
CA GLU A 260 -4.02 -17.85 -0.37
C GLU A 260 -4.01 -16.38 -0.82
N MET A 261 -3.12 -16.06 -1.75
CA MET A 261 -3.00 -14.68 -2.26
C MET A 261 -4.30 -14.25 -2.94
N ARG A 262 -4.89 -15.13 -3.75
CA ARG A 262 -6.12 -14.78 -4.47
C ARG A 262 -7.28 -14.58 -3.50
N ASP A 263 -7.35 -15.42 -2.48
CA ASP A 263 -8.39 -15.34 -1.45
C ASP A 263 -8.27 -14.03 -0.66
N LEU A 264 -7.05 -13.75 -0.20
CA LEU A 264 -6.81 -12.53 0.55
C LEU A 264 -7.13 -11.29 -0.26
N ALA A 265 -6.65 -11.27 -1.51
CA ALA A 265 -6.85 -10.12 -2.38
C ALA A 265 -8.34 -9.87 -2.64
N TYR A 266 -9.10 -10.93 -2.87
CA TYR A 266 -10.54 -10.80 -3.06
C TYR A 266 -11.20 -10.24 -1.80
N LYS A 267 -10.83 -10.76 -0.63
CA LYS A 267 -11.41 -10.27 0.62
C LYS A 267 -11.12 -8.79 0.84
N VAL A 268 -9.88 -8.38 0.55
CA VAL A 268 -9.49 -6.99 0.75
C VAL A 268 -10.25 -6.10 -0.23
N ARG A 269 -10.32 -6.51 -1.51
CA ARG A 269 -11.02 -5.70 -2.51
C ARG A 269 -12.49 -5.51 -2.12
N CYS A 270 -13.13 -6.58 -1.64
CA CYS A 270 -14.51 -6.49 -1.19
C CYS A 270 -14.67 -5.60 0.05
N ALA A 271 -13.78 -5.74 1.03
CA ALA A 271 -13.84 -4.95 2.26
C ALA A 271 -13.71 -3.46 1.99
N LEU A 272 -12.82 -3.11 1.05
CA LEU A 272 -12.48 -1.72 0.77
C LEU A 272 -13.19 -1.12 -0.42
N GLY A 273 -13.85 -1.96 -1.23
CA GLY A 273 -14.55 -1.50 -2.43
C GLY A 273 -13.60 -0.97 -3.49
N VAL A 274 -12.43 -1.58 -3.60
CA VAL A 274 -11.36 -1.11 -4.49
C VAL A 274 -11.00 -2.18 -5.53
N GLN A 275 -10.62 -1.75 -6.72
CA GLN A 275 -10.15 -2.65 -7.79
C GLN A 275 -8.65 -2.57 -8.03
N LEU A 276 -8.09 -1.35 -8.03
CA LEU A 276 -6.68 -1.14 -8.30
C LEU A 276 -6.00 -0.93 -6.97
N CYS A 277 -5.30 -1.94 -6.48
CA CYS A 277 -4.68 -1.83 -5.16
C CYS A 277 -3.47 -2.76 -5.05
N GLY A 278 -2.64 -2.45 -4.06
CA GLY A 278 -1.51 -3.27 -3.67
C GLY A 278 -1.70 -3.62 -2.21
N ILE A 279 -1.48 -4.89 -1.88
CA ILE A 279 -1.64 -5.41 -0.54
C ILE A 279 -0.29 -5.90 -0.06
N ASP A 280 0.15 -5.40 1.10
CA ASP A 280 1.40 -5.85 1.73
C ASP A 280 1.06 -6.75 2.89
N PHE A 281 1.63 -7.95 2.92
CA PHE A 281 1.48 -8.80 4.11
C PHE A 281 2.75 -9.47 4.54
N ILE A 282 2.82 -9.72 5.84
CA ILE A 282 3.94 -10.39 6.46
C ILE A 282 3.42 -11.57 7.27
N LYS A 283 4.33 -12.47 7.66
CA LYS A 283 3.98 -13.59 8.53
C LYS A 283 4.96 -13.65 9.69
N GLU A 284 4.44 -13.81 10.90
CA GLU A 284 5.29 -13.94 12.08
C GLU A 284 6.16 -15.18 11.95
N ASN A 285 7.48 -14.99 11.98
CA ASN A 285 8.43 -16.09 11.75
C ASN A 285 8.15 -16.84 10.45
N GLU A 286 7.62 -16.13 9.45
CA GLU A 286 7.29 -16.70 8.14
C GLU A 286 6.19 -17.75 8.14
N GLN A 287 5.44 -17.85 9.23
CA GLN A 287 4.44 -18.91 9.38
C GLN A 287 3.10 -18.36 9.80
N GLY A 288 2.05 -19.09 9.48
CA GLY A 288 0.71 -18.78 9.98
C GLY A 288 -0.03 -17.83 9.08
N ASN A 289 -0.97 -17.09 9.66
CA ASN A 289 -1.84 -16.21 8.87
C ASN A 289 -1.08 -15.08 8.19
N PRO A 290 -1.44 -14.75 6.94
CA PRO A 290 -0.96 -13.47 6.40
C PRO A 290 -1.46 -12.35 7.31
N LEU A 291 -0.59 -11.40 7.61
CA LEU A 291 -0.96 -10.24 8.43
C LEU A 291 -0.83 -9.01 7.55
N VAL A 292 -1.96 -8.39 7.22
CA VAL A 292 -1.94 -7.26 6.31
C VAL A 292 -1.45 -6.04 7.07
N VAL A 293 -0.39 -5.43 6.54
CA VAL A 293 0.20 -4.25 7.18
C VAL A 293 -0.09 -2.94 6.43
N ASP A 294 -0.51 -3.03 5.17
CA ASP A 294 -0.68 -1.84 4.32
C ASP A 294 -1.49 -2.25 3.10
N VAL A 295 -2.41 -1.39 2.70
CA VAL A 295 -3.07 -1.53 1.40
C VAL A 295 -3.02 -0.17 0.72
N ASN A 296 -2.49 -0.15 -0.50
CA ASN A 296 -2.28 1.08 -1.27
C ASN A 296 -3.22 1.16 -2.46
N VAL A 297 -3.75 2.36 -2.73
CA VAL A 297 -4.55 2.56 -3.94
C VAL A 297 -3.62 2.69 -5.15
N PHE A 298 -4.00 2.05 -6.25
CA PHE A 298 -3.31 2.19 -7.56
C PHE A 298 -1.78 2.21 -7.40
N PRO A 299 -1.20 1.04 -7.06
CA PRO A 299 0.22 0.87 -6.76
C PRO A 299 1.11 0.93 -8.00
N SER A 300 2.39 0.57 -7.83
CA SER A 300 3.39 0.63 -8.89
C SER A 300 3.43 -0.63 -9.76
N TYR A 301 2.76 -1.70 -9.31
CA TYR A 301 2.71 -2.98 -10.04
C TYR A 301 4.08 -3.59 -10.30
N GLY A 302 5.02 -3.29 -9.40
CA GLY A 302 6.40 -3.77 -9.53
C GLY A 302 7.27 -2.83 -10.35
N GLY A 303 6.65 -1.80 -10.92
CA GLY A 303 7.37 -0.80 -11.72
C GLY A 303 7.53 -1.23 -13.16
N LYS A 304 7.25 -0.31 -14.08
CA LYS A 304 7.47 -0.50 -15.52
C LYS A 304 6.77 -1.73 -16.11
N VAL A 305 5.45 -1.64 -16.29
CA VAL A 305 4.69 -2.69 -16.97
C VAL A 305 4.39 -2.28 -18.40
N ASP A 306 4.11 -3.27 -19.25
CA ASP A 306 3.67 -3.00 -20.62
C ASP A 306 2.34 -2.25 -20.58
N PHE A 307 2.28 -1.18 -21.37
CA PHE A 307 1.09 -0.36 -21.47
C PHE A 307 -0.12 -1.16 -21.96
N ASP A 308 0.07 -1.93 -23.02
CA ASP A 308 -1.01 -2.73 -23.60
C ASP A 308 -1.56 -3.79 -22.64
N TRP A 309 -0.67 -4.40 -21.86
CA TRP A 309 -1.05 -5.33 -20.79
C TRP A 309 -1.95 -4.66 -19.76
N PHE A 310 -1.46 -3.56 -19.21
CA PHE A 310 -2.19 -2.80 -18.20
C PHE A 310 -3.59 -2.44 -18.68
N VAL A 311 -3.69 -1.88 -19.88
CA VAL A 311 -4.99 -1.42 -20.38
C VAL A 311 -5.97 -2.56 -20.69
N GLU A 312 -5.44 -3.69 -21.17
CA GLU A 312 -6.28 -4.87 -21.41
C GLU A 312 -6.84 -5.39 -20.09
N LYS A 313 -6.01 -5.42 -19.05
CA LYS A 313 -6.45 -5.89 -17.74
C LYS A 313 -7.42 -4.90 -17.07
N VAL A 314 -7.21 -3.61 -17.28
CA VAL A 314 -8.19 -2.62 -16.82
C VAL A 314 -9.53 -2.83 -17.54
N ALA A 315 -9.48 -3.08 -18.84
CA ALA A 315 -10.69 -3.35 -19.63
C ALA A 315 -11.40 -4.58 -19.12
N LEU A 316 -10.63 -5.64 -18.83
CA LEU A 316 -11.22 -6.85 -18.28
C LEU A 316 -11.92 -6.55 -16.97
N CYS A 317 -11.25 -5.80 -16.09
CA CYS A 317 -11.83 -5.37 -14.82
C CYS A 317 -13.13 -4.58 -15.04
N TYR A 318 -13.11 -3.64 -15.98
CA TYR A 318 -14.29 -2.87 -16.31
C TYR A 318 -15.51 -3.75 -16.63
N THR A 319 -15.29 -4.79 -17.45
CA THR A 319 -16.37 -5.70 -17.85
C THR A 319 -16.96 -6.47 -16.66
N GLU A 320 -16.11 -6.76 -15.68
CA GLU A 320 -16.49 -7.55 -14.52
C GLU A 320 -17.12 -6.67 -13.45
#